data_5V5F
#
_entry.id   5V5F
#
_cell.length_a   193.250
_cell.length_b   193.250
_cell.length_c   214.719
_cell.angle_alpha   90.00
_cell.angle_beta   90.00
_cell.angle_gamma   90.00
#
_symmetry.space_group_name_H-M   'I 41 2 2'
#
_entity_poly.entity_id   1
_entity_poly.type   'polypeptide(L)'
_entity_poly.pdbx_seq_one_letter_code
;MASFDGQGFMMVDNSWVQTKAIDVESTTDISPYLSKILEDSVWNGNRSIVFDVYWDVKSVSTKSEWRLCSVKFSTKNFCL
FLRLPNPFCDNLKDLYRFFASKFVTFVGVQIQEDLALLKENHGIVIRSSLEIGKLAAKARGTPIVEFLGTRELAHKILWY
DMSRLDSIQSKWDEASSNDRLEAAAIEGWLIFNVYDQLQQ
;
_entity_poly.pdbx_strand_id   A,B,C
#
# COMPACT_ATOMS: atom_id res chain seq x y z
N MET A 1 -14.92 29.77 13.70
CA MET A 1 -13.64 29.05 13.71
C MET A 1 -13.75 27.66 14.33
N ALA A 2 -12.67 27.26 15.02
CA ALA A 2 -12.61 25.98 15.73
C ALA A 2 -12.76 26.22 17.21
N SER A 3 -13.67 25.50 17.85
CA SER A 3 -13.93 25.74 19.25
C SER A 3 -13.20 24.77 20.15
N PHE A 4 -12.57 25.32 21.19
CA PHE A 4 -11.86 24.56 22.22
C PHE A 4 -12.82 24.18 23.33
N ASP A 5 -13.74 23.27 22.99
CA ASP A 5 -14.91 22.98 23.81
C ASP A 5 -14.68 21.89 24.87
N GLY A 6 -13.47 21.38 24.99
CA GLY A 6 -13.16 20.45 26.05
C GLY A 6 -13.15 21.09 27.43
N GLN A 7 -13.03 20.24 28.44
CA GLN A 7 -13.01 20.67 29.83
C GLN A 7 -11.92 21.69 30.09
N GLY A 8 -12.30 22.87 30.58
CA GLY A 8 -11.34 23.90 30.91
C GLY A 8 -10.88 23.80 32.35
N PHE A 9 -9.85 24.56 32.71
CA PHE A 9 -9.33 24.58 34.09
C PHE A 9 -8.85 25.96 34.52
N MET A 10 -9.11 26.29 35.78
CA MET A 10 -8.66 27.53 36.36
C MET A 10 -7.28 27.39 37.01
N MET A 11 -6.34 28.25 36.62
CA MET A 11 -5.04 28.30 37.29
C MET A 11 -5.10 28.99 38.67
N VAL A 12 -3.98 28.99 39.38
CA VAL A 12 -3.95 29.51 40.75
C VAL A 12 -3.94 31.02 40.83
N ASP A 13 -3.79 31.69 39.69
CA ASP A 13 -3.94 33.15 39.65
C ASP A 13 -5.30 33.58 39.06
N ASN A 14 -6.21 32.61 38.96
CA ASN A 14 -7.59 32.77 38.50
C ASN A 14 -7.83 32.71 36.99
N SER A 15 -6.75 32.74 36.21
CA SER A 15 -6.86 32.67 34.76
C SER A 15 -7.32 31.31 34.27
N TRP A 16 -7.81 31.26 33.03
CA TRP A 16 -8.44 30.04 32.53
C TRP A 16 -7.68 29.47 31.33
N VAL A 17 -7.62 28.15 31.27
CA VAL A 17 -7.08 27.48 30.11
C VAL A 17 -8.20 26.71 29.43
N GLN A 18 -8.46 27.01 28.16
CA GLN A 18 -9.42 26.25 27.38
C GLN A 18 -8.71 25.07 26.76
N THR A 19 -9.33 23.89 26.75
CA THR A 19 -8.65 22.73 26.15
C THR A 19 -9.39 22.09 24.97
N LYS A 20 -8.64 21.36 24.16
CA LYS A 20 -9.22 20.47 23.16
C LYS A 20 -8.28 19.30 22.98
N ALA A 21 -8.79 18.07 23.10
CA ALA A 21 -8.03 16.87 22.78
C ALA A 21 -8.61 16.28 21.49
N ILE A 22 -7.76 15.94 20.54
CA ILE A 22 -8.24 15.40 19.28
C ILE A 22 -7.56 14.08 18.98
N ASP A 23 -8.34 13.04 18.70
CA ASP A 23 -7.75 11.81 18.19
C ASP A 23 -7.65 12.00 16.70
N VAL A 24 -6.51 12.48 16.24
CA VAL A 24 -6.28 12.66 14.81
C VAL A 24 -6.41 11.35 14.04
N GLU A 25 -7.08 11.42 12.90
CA GLU A 25 -7.21 10.28 12.03
C GLU A 25 -7.26 10.74 10.57
N SER A 26 -7.33 9.79 9.64
CA SER A 26 -7.12 10.08 8.21
C SER A 26 -8.01 11.20 7.68
N THR A 27 -9.11 11.43 8.37
CA THR A 27 -10.16 12.29 7.88
C THR A 27 -10.30 13.56 8.75
N THR A 28 -9.63 13.56 9.90
CA THR A 28 -9.58 14.72 10.78
C THR A 28 -8.78 15.89 10.17
N ASP A 29 -9.39 17.07 10.12
CA ASP A 29 -8.69 18.28 9.70
C ASP A 29 -8.27 19.12 10.91
N ILE A 30 -6.98 19.12 11.23
CA ILE A 30 -6.53 19.85 12.41
C ILE A 30 -6.05 21.26 12.07
N SER A 31 -6.16 21.65 10.81
CA SER A 31 -5.71 22.98 10.42
C SER A 31 -6.41 24.15 11.14
N PRO A 32 -7.75 24.07 11.33
CA PRO A 32 -8.38 25.12 12.14
C PRO A 32 -7.89 25.23 13.60
N TYR A 33 -7.61 24.10 14.25
CA TYR A 33 -7.08 24.13 15.61
C TYR A 33 -5.65 24.70 15.65
N LEU A 34 -4.80 24.26 14.72
CA LEU A 34 -3.47 24.84 14.59
C LEU A 34 -3.53 26.34 14.28
N SER A 35 -4.45 26.72 13.41
CA SER A 35 -4.67 28.12 13.08
C SER A 35 -5.00 28.95 14.31
N LYS A 36 -5.78 28.36 15.21
CA LYS A 36 -6.16 29.03 16.46
C LYS A 36 -4.96 29.27 17.35
N ILE A 37 -4.17 28.21 17.54
CA ILE A 37 -2.95 28.27 18.33
C ILE A 37 -2.01 29.39 17.86
N LEU A 38 -1.78 29.45 16.55
CA LEU A 38 -0.90 30.44 15.96
C LEU A 38 -1.44 31.84 16.19
N GLU A 39 -2.73 32.03 15.97
CA GLU A 39 -3.40 33.31 16.22
C GLU A 39 -3.17 33.77 17.66
N ASP A 40 -3.41 32.86 18.60
CA ASP A 40 -3.26 33.20 20.00
C ASP A 40 -1.80 33.50 20.35
N SER A 41 -0.88 32.82 19.68
CA SER A 41 0.54 33.04 19.88
C SER A 41 0.97 34.40 19.36
N VAL A 42 0.41 34.82 18.23
CA VAL A 42 0.75 36.11 17.64
C VAL A 42 0.18 37.27 18.45
N TRP A 43 -1.13 37.21 18.74
CA TRP A 43 -1.78 38.23 19.54
C TRP A 43 -1.27 38.32 20.98
N ASN A 44 -1.38 37.22 21.73
CA ASN A 44 -1.24 37.26 23.18
C ASN A 44 -0.03 36.54 23.77
N GLY A 45 0.88 36.07 22.92
CA GLY A 45 1.93 35.19 23.39
C GLY A 45 3.37 35.57 23.07
N ASN A 46 3.61 36.75 22.52
CA ASN A 46 4.95 37.11 22.05
C ASN A 46 5.56 36.05 21.13
N ARG A 47 4.68 35.38 20.39
CA ARG A 47 5.07 34.44 19.37
C ARG A 47 5.74 33.18 19.90
N SER A 48 5.38 32.80 21.12
CA SER A 48 5.84 31.54 21.68
C SER A 48 4.71 30.52 21.67
N ILE A 49 5.08 29.25 21.65
CA ILE A 49 4.13 28.16 21.83
C ILE A 49 4.83 27.15 22.71
N VAL A 50 4.30 26.89 23.90
CA VAL A 50 4.98 25.90 24.72
C VAL A 50 4.49 24.54 24.25
N PHE A 51 5.40 23.57 24.22
CA PHE A 51 5.03 22.27 23.71
C PHE A 51 5.62 21.16 24.56
N ASP A 52 5.06 19.97 24.43
CA ASP A 52 5.63 18.80 25.04
C ASP A 52 5.30 17.67 24.09
N VAL A 53 6.07 16.60 24.11
CA VAL A 53 5.78 15.46 23.25
C VAL A 53 5.81 14.20 24.08
N TYR A 54 4.94 13.26 23.73
CA TYR A 54 4.72 12.08 24.52
C TYR A 54 4.99 10.83 23.68
N TRP A 55 5.79 9.90 24.20
CA TRP A 55 6.16 8.70 23.44
C TRP A 55 5.52 7.42 23.94
N ASP A 56 5.16 6.57 23.00
CA ASP A 56 4.82 5.19 23.33
C ASP A 56 5.97 4.29 22.88
N VAL A 57 6.28 3.26 23.65
CA VAL A 57 7.34 2.33 23.30
C VAL A 57 6.82 0.90 23.17
N LYS A 58 7.26 0.20 22.13
CA LYS A 58 6.74 -1.12 21.83
C LYS A 58 7.88 -2.09 21.64
N SER A 59 7.59 -3.38 21.77
CA SER A 59 8.50 -4.45 21.37
C SER A 59 9.81 -4.49 22.14
N VAL A 60 9.74 -4.10 23.40
CA VAL A 60 10.89 -4.00 24.28
C VAL A 60 11.65 -5.32 24.44
N SER A 61 10.98 -6.46 24.28
CA SER A 61 11.65 -7.75 24.43
C SER A 61 12.56 -8.10 23.25
N THR A 62 12.58 -7.23 22.25
CA THR A 62 13.12 -7.57 20.93
C THR A 62 14.06 -6.44 20.49
N LYS A 63 13.47 -5.37 19.98
CA LYS A 63 14.18 -4.19 19.68
C LYS A 63 13.12 -3.15 19.96
N SER A 64 13.35 -2.35 20.99
CA SER A 64 12.37 -1.38 21.40
C SER A 64 12.19 -0.36 20.28
N GLU A 65 10.96 0.10 20.09
CA GLU A 65 10.61 0.99 19.00
C GLU A 65 9.76 2.13 19.57
N TRP A 66 10.28 3.36 19.45
CA TRP A 66 9.58 4.54 19.98
C TRP A 66 8.75 5.19 18.89
N ARG A 67 7.50 5.54 19.18
CA ARG A 67 6.69 6.33 18.24
C ARG A 67 6.05 7.48 19.00
N LEU A 68 6.09 8.65 18.39
CA LEU A 68 5.37 9.80 18.92
C LEU A 68 3.89 9.45 18.98
N CYS A 69 3.32 9.42 20.19
CA CYS A 69 1.89 9.13 20.30
C CYS A 69 1.00 10.34 20.55
N SER A 70 1.50 11.36 21.25
CA SER A 70 0.77 12.63 21.29
C SER A 70 1.63 13.88 21.46
N VAL A 71 1.08 15.03 21.10
CA VAL A 71 1.77 16.30 21.30
C VAL A 71 0.83 17.34 21.91
N LYS A 72 1.38 18.21 22.77
CA LYS A 72 0.63 19.25 23.45
C LYS A 72 1.12 20.61 22.95
N PHE A 73 0.21 21.48 22.53
CA PHE A 73 0.57 22.88 22.27
C PHE A 73 -0.18 23.79 23.22
N SER A 74 0.58 24.59 23.96
CA SER A 74 -0.02 25.55 24.89
C SER A 74 0.36 26.98 24.57
N THR A 75 -0.64 27.84 24.49
CA THR A 75 -0.45 29.28 24.40
C THR A 75 -1.12 29.92 25.62
N LYS A 76 -1.29 31.24 25.57
CA LYS A 76 -1.87 32.00 26.70
C LYS A 76 -3.25 31.53 27.11
N ASN A 77 -4.12 31.32 26.13
CA ASN A 77 -5.49 30.90 26.41
C ASN A 77 -5.80 29.44 26.09
N PHE A 78 -4.90 28.75 25.39
CA PHE A 78 -5.27 27.45 24.85
C PHE A 78 -4.32 26.35 25.25
N CYS A 79 -4.85 25.13 25.33
CA CYS A 79 -4.03 23.93 25.38
C CYS A 79 -4.61 22.90 24.43
N LEU A 80 -3.94 22.70 23.30
CA LEU A 80 -4.37 21.73 22.28
C LEU A 80 -3.65 20.42 22.53
N PHE A 81 -4.39 19.32 22.51
CA PHE A 81 -3.81 18.02 22.75
C PHE A 81 -4.12 17.09 21.59
N LEU A 82 -3.11 16.68 20.84
CA LEU A 82 -3.30 15.85 19.65
C LEU A 82 -2.83 14.42 19.89
N ARG A 83 -3.74 13.45 19.93
CA ARG A 83 -3.35 12.04 19.98
C ARG A 83 -3.14 11.51 18.56
N LEU A 84 -1.93 11.06 18.25
CA LEU A 84 -1.56 10.64 16.90
C LEU A 84 -1.73 9.14 16.69
N PRO A 85 -2.22 8.72 15.51
CA PRO A 85 -2.40 7.30 15.20
C PRO A 85 -1.07 6.64 14.88
N ASN A 86 -1.12 5.33 14.71
CA ASN A 86 0.04 4.57 14.28
C ASN A 86 -0.31 3.71 13.08
N PRO A 87 0.34 3.95 11.93
CA PRO A 87 1.28 5.05 11.65
C PRO A 87 0.57 6.38 11.48
N PHE A 88 1.33 7.43 11.18
CA PHE A 88 0.72 8.71 10.84
C PHE A 88 -0.07 8.55 9.58
N CYS A 89 -1.06 9.43 9.41
CA CYS A 89 -1.79 9.55 8.16
C CYS A 89 -1.22 10.77 7.44
N ASP A 90 -1.37 10.83 6.12
CA ASP A 90 -0.65 11.84 5.34
C ASP A 90 -1.07 13.26 5.67
N ASN A 91 -2.30 13.45 6.15
CA ASN A 91 -2.72 14.81 6.49
C ASN A 91 -1.90 15.44 7.65
N LEU A 92 -1.16 14.62 8.37
CA LEU A 92 -0.24 15.10 9.41
C LEU A 92 0.92 15.93 8.88
N LYS A 93 1.07 15.96 7.55
CA LYS A 93 1.82 16.98 6.83
C LYS A 93 1.70 18.33 7.54
N ASP A 94 0.47 18.72 7.86
CA ASP A 94 0.18 20.01 8.46
C ASP A 94 0.96 20.20 9.75
N LEU A 95 1.05 19.12 10.53
CA LEU A 95 1.78 19.15 11.79
C LEU A 95 3.28 19.29 11.55
N TYR A 96 3.80 18.61 10.52
CA TYR A 96 5.21 18.71 10.20
C TYR A 96 5.54 20.12 9.81
N ARG A 97 4.67 20.72 9.01
CA ARG A 97 4.88 22.05 8.49
C ARG A 97 4.78 23.09 9.61
N PHE A 98 3.89 22.82 10.55
CA PHE A 98 3.65 23.67 11.69
C PHE A 98 4.89 23.71 12.57
N PHE A 99 5.38 22.54 12.93
CA PHE A 99 6.55 22.39 13.78
C PHE A 99 7.78 23.07 13.20
N ALA A 100 7.79 23.27 11.88
CA ALA A 100 8.94 23.85 11.18
C ALA A 100 8.80 25.35 10.98
N SER A 101 7.72 25.92 11.49
CA SER A 101 7.44 27.34 11.32
C SER A 101 8.44 28.23 12.05
N LYS A 102 8.78 29.35 11.43
CA LYS A 102 9.62 30.36 12.08
C LYS A 102 8.82 31.60 12.47
N PHE A 103 7.49 31.53 12.28
CA PHE A 103 6.58 32.56 12.76
C PHE A 103 6.61 32.60 14.30
N VAL A 104 7.06 31.49 14.89
CA VAL A 104 7.04 31.33 16.34
C VAL A 104 8.31 30.68 16.87
N THR A 105 8.37 30.51 18.19
CA THR A 105 9.43 29.75 18.83
C THR A 105 8.75 28.70 19.68
N PHE A 106 9.18 27.45 19.52
CA PHE A 106 8.62 26.35 20.29
C PHE A 106 9.38 26.16 21.60
N VAL A 107 8.74 26.53 22.71
CA VAL A 107 9.39 26.50 24.02
C VAL A 107 9.07 25.21 24.76
N GLY A 108 10.11 24.55 25.24
CA GLY A 108 9.93 23.28 25.92
C GLY A 108 10.94 23.08 27.04
N VAL A 109 10.70 22.04 27.85
CA VAL A 109 11.55 21.78 29.00
C VAL A 109 12.23 20.46 28.80
N GLN A 110 13.56 20.43 28.94
CA GLN A 110 14.33 19.23 28.63
C GLN A 110 13.89 18.64 27.30
N ILE A 111 14.31 19.23 26.20
CA ILE A 111 13.88 18.71 24.90
C ILE A 111 14.98 18.18 23.99
N GLN A 112 16.20 18.08 24.51
CA GLN A 112 17.32 17.62 23.71
C GLN A 112 17.09 16.21 23.14
N GLU A 113 16.78 15.26 24.01
CA GLU A 113 16.51 13.89 23.58
C GLU A 113 15.27 13.80 22.70
N ASP A 114 14.28 14.67 22.92
CA ASP A 114 13.07 14.64 22.12
C ASP A 114 13.35 15.05 20.67
N LEU A 115 14.10 16.14 20.48
CA LEU A 115 14.44 16.62 19.16
C LEU A 115 15.18 15.54 18.36
N ALA A 116 15.98 14.74 19.05
CA ALA A 116 16.72 13.66 18.41
C ALA A 116 15.71 12.60 18.02
N LEU A 117 14.93 12.13 18.97
CA LEU A 117 13.94 11.08 18.68
C LEU A 117 12.96 11.48 17.58
N LEU A 118 12.59 12.76 17.51
CA LEU A 118 11.61 13.22 16.52
C LEU A 118 12.22 13.12 15.12
N LYS A 119 13.49 13.49 15.04
CA LYS A 119 14.24 13.40 13.79
C LYS A 119 14.44 11.94 13.36
N GLU A 120 14.95 11.11 14.27
CA GLU A 120 15.30 9.72 13.98
C GLU A 120 14.08 8.86 13.60
N ASN A 121 13.03 8.96 14.40
CA ASN A 121 11.88 8.12 14.21
C ASN A 121 10.77 8.66 13.30
N HIS A 122 10.77 9.95 13.00
CA HIS A 122 9.71 10.55 12.16
C HIS A 122 10.19 11.63 11.18
N GLY A 123 11.44 12.05 11.29
CA GLY A 123 11.91 13.13 10.43
C GLY A 123 11.19 14.45 10.70
N ILE A 124 10.65 14.60 11.90
CA ILE A 124 10.04 15.85 12.33
C ILE A 124 11.14 16.80 12.75
N VAL A 125 11.13 18.00 12.19
CA VAL A 125 12.19 18.96 12.46
C VAL A 125 11.57 20.22 13.05
N ILE A 126 12.20 20.74 14.10
CA ILE A 126 11.76 21.98 14.73
C ILE A 126 12.84 23.07 14.56
N ARG A 127 12.65 23.93 13.57
CA ARG A 127 13.63 24.94 13.22
C ARG A 127 13.74 26.05 14.25
N SER A 128 12.65 26.35 14.96
CA SER A 128 12.73 27.41 15.97
C SER A 128 12.35 26.90 17.38
N SER A 129 13.32 26.34 18.09
CA SER A 129 13.04 25.78 19.41
C SER A 129 13.88 26.43 20.50
N LEU A 130 13.39 26.32 21.73
CA LEU A 130 14.09 26.82 22.89
C LEU A 130 13.95 25.86 24.04
N GLU A 131 15.07 25.23 24.45
CA GLU A 131 15.12 24.51 25.72
C GLU A 131 15.29 25.52 26.85
N ILE A 132 14.18 25.82 27.51
CA ILE A 132 14.05 26.97 28.40
C ILE A 132 14.88 26.88 29.67
N GLY A 133 15.21 25.68 30.09
CA GLY A 133 16.10 25.49 31.22
C GLY A 133 17.48 26.07 30.96
N LYS A 134 17.98 25.91 29.73
CA LYS A 134 19.29 26.44 29.36
C LYS A 134 19.28 27.96 29.35
N LEU A 135 18.18 28.55 28.93
CA LEU A 135 18.09 30.00 28.88
C LEU A 135 18.02 30.55 30.30
N ALA A 136 17.24 29.90 31.14
CA ALA A 136 17.10 30.31 32.53
C ALA A 136 18.45 30.20 33.23
N ALA A 137 19.14 29.10 32.98
CA ALA A 137 20.48 28.90 33.53
C ALA A 137 21.40 30.09 33.25
N LYS A 138 21.45 30.55 32.00
CA LYS A 138 22.29 31.71 31.65
C LYS A 138 21.77 33.00 32.29
N ALA A 139 20.58 33.41 31.90
CA ALA A 139 19.97 34.65 32.39
C ALA A 139 19.99 34.82 33.92
N ARG A 140 19.66 33.77 34.67
CA ARG A 140 19.61 33.86 36.12
C ARG A 140 20.93 33.45 36.79
N GLY A 141 21.89 32.97 35.99
CA GLY A 141 23.17 32.52 36.52
C GLY A 141 23.14 31.43 37.60
N THR A 142 22.03 30.70 37.70
CA THR A 142 21.87 29.58 38.65
C THR A 142 21.80 28.24 37.93
N PRO A 143 22.92 27.52 37.87
CA PRO A 143 23.17 26.36 37.00
C PRO A 143 22.23 25.17 37.17
N ILE A 144 21.59 25.04 38.32
CA ILE A 144 20.74 23.88 38.60
C ILE A 144 19.55 23.80 37.65
N VAL A 145 19.03 24.95 37.23
CA VAL A 145 17.74 25.00 36.54
C VAL A 145 17.82 24.37 35.15
N GLU A 146 19.03 24.18 34.66
CA GLU A 146 19.22 23.47 33.40
C GLU A 146 18.70 22.04 33.48
N PHE A 147 18.72 21.48 34.69
CA PHE A 147 18.41 20.06 34.89
C PHE A 147 17.07 19.76 35.57
N LEU A 148 16.30 20.80 35.88
CA LEU A 148 15.00 20.57 36.51
C LEU A 148 13.92 20.15 35.51
N GLY A 149 12.93 19.38 35.96
CA GLY A 149 11.77 19.10 35.14
C GLY A 149 10.83 20.30 35.15
N THR A 150 9.64 20.12 34.62
CA THR A 150 8.75 21.26 34.39
C THR A 150 8.36 21.99 35.68
N ARG A 151 7.93 21.21 36.68
CA ARG A 151 7.44 21.78 37.92
C ARG A 151 8.52 22.49 38.70
N GLU A 152 9.64 21.82 38.96
CA GLU A 152 10.70 22.42 39.77
C GLU A 152 11.34 23.61 39.09
N LEU A 153 11.43 23.59 37.76
CA LEU A 153 11.92 24.77 37.04
C LEU A 153 10.97 25.92 37.29
N ALA A 154 9.68 25.67 37.08
CA ALA A 154 8.66 26.69 37.31
C ALA A 154 8.72 27.23 38.74
N HIS A 155 8.92 26.35 39.71
CA HIS A 155 9.03 26.75 41.11
C HIS A 155 10.22 27.68 41.38
N LYS A 156 11.37 27.44 40.76
CA LYS A 156 12.54 28.29 41.00
C LYS A 156 12.46 29.68 40.34
N ILE A 157 11.57 29.83 39.36
CA ILE A 157 11.47 31.07 38.59
C ILE A 157 10.23 31.87 38.99
N LEU A 158 9.16 31.18 39.37
CA LEU A 158 7.86 31.82 39.57
C LEU A 158 7.37 31.83 41.01
N TRP A 159 7.73 30.79 41.76
CA TRP A 159 7.24 30.60 43.13
C TRP A 159 5.71 30.71 43.24
N TYR A 160 4.97 30.22 42.24
CA TYR A 160 3.51 30.13 42.37
C TYR A 160 3.22 28.88 43.18
N ASP A 161 2.00 28.75 43.67
CA ASP A 161 1.63 27.55 44.39
C ASP A 161 1.40 26.42 43.40
N MET A 162 1.96 25.25 43.67
CA MET A 162 1.73 24.10 42.80
C MET A 162 1.11 22.90 43.48
N SER A 163 0.41 23.18 44.58
CA SER A 163 -0.34 22.18 45.32
C SER A 163 -1.16 21.21 44.43
N ARG A 164 -2.02 21.74 43.58
CA ARG A 164 -2.92 20.91 42.78
C ARG A 164 -2.14 20.03 41.81
N LEU A 165 -1.19 20.64 41.09
CA LEU A 165 -0.30 19.90 40.20
C LEU A 165 0.38 18.76 40.96
N ASP A 166 1.10 19.08 42.03
CA ASP A 166 1.80 18.09 42.84
C ASP A 166 0.86 16.97 43.27
N SER A 167 -0.37 17.33 43.62
CA SER A 167 -1.36 16.36 44.05
C SER A 167 -1.63 15.33 42.95
N ILE A 168 -2.03 15.81 41.78
CA ILE A 168 -2.35 14.94 40.64
C ILE A 168 -1.21 14.01 40.28
N GLN A 169 0.00 14.55 40.25
CA GLN A 169 1.17 13.83 39.75
C GLN A 169 1.79 12.84 40.74
N SER A 170 1.52 13.02 42.03
CA SER A 170 2.01 12.06 43.04
C SER A 170 1.23 10.76 42.97
N LYS A 171 -0.02 10.85 42.52
CA LYS A 171 -0.89 9.68 42.38
C LYS A 171 -1.27 9.55 40.92
N TRP A 172 -0.27 9.55 40.05
CA TRP A 172 -0.52 9.59 38.60
C TRP A 172 -1.31 8.40 38.09
N ASP A 173 -1.00 7.22 38.61
CA ASP A 173 -1.65 5.99 38.17
C ASP A 173 -3.14 5.93 38.48
N GLU A 174 -3.58 6.67 39.49
CA GLU A 174 -4.99 6.70 39.87
C GLU A 174 -5.79 7.85 39.25
N ALA A 175 -5.08 8.80 38.66
CA ALA A 175 -5.70 10.00 38.09
C ALA A 175 -6.61 9.73 36.89
N SER A 176 -7.79 10.35 36.90
CA SER A 176 -8.74 10.24 35.79
C SER A 176 -8.19 10.94 34.55
N SER A 177 -8.83 10.71 33.41
CA SER A 177 -8.34 11.27 32.16
C SER A 177 -8.37 12.78 32.28
N ASN A 178 -9.42 13.30 32.91
CA ASN A 178 -9.58 14.72 33.15
C ASN A 178 -8.44 15.30 34.02
N ASP A 179 -8.06 14.55 35.05
CA ASP A 179 -6.95 14.94 35.92
C ASP A 179 -5.62 15.05 35.16
N ARG A 180 -5.31 14.02 34.38
CA ARG A 180 -4.08 14.00 33.57
C ARG A 180 -4.02 15.21 32.64
N LEU A 181 -5.12 15.46 31.95
CA LEU A 181 -5.28 16.61 31.10
C LEU A 181 -5.01 17.93 31.85
N GLU A 182 -5.61 18.07 33.04
CA GLU A 182 -5.41 19.24 33.89
C GLU A 182 -3.92 19.51 34.19
N ALA A 183 -3.20 18.47 34.59
CA ALA A 183 -1.77 18.63 34.89
C ALA A 183 -1.03 19.18 33.68
N ALA A 184 -1.23 18.53 32.54
CA ALA A 184 -0.73 19.00 31.26
C ALA A 184 -1.03 20.48 31.00
N ALA A 185 -2.28 20.88 31.24
CA ALA A 185 -2.69 22.26 31.06
C ALA A 185 -1.99 23.21 32.04
N ILE A 186 -1.79 22.77 33.27
CA ILE A 186 -1.03 23.59 34.21
C ILE A 186 0.44 23.70 33.79
N GLU A 187 1.06 22.57 33.44
CA GLU A 187 2.45 22.60 33.07
C GLU A 187 2.66 23.59 31.93
N GLY A 188 1.76 23.50 30.94
CA GLY A 188 1.72 24.45 29.84
C GLY A 188 1.70 25.89 30.30
N TRP A 189 0.73 26.21 31.14
CA TRP A 189 0.56 27.57 31.64
C TRP A 189 1.78 28.04 32.44
N LEU A 190 2.34 27.14 33.24
CA LEU A 190 3.56 27.44 34.00
C LEU A 190 4.73 27.83 33.11
N ILE A 191 5.03 26.98 32.12
CA ILE A 191 6.15 27.26 31.22
C ILE A 191 5.90 28.51 30.40
N PHE A 192 4.67 28.73 29.97
CA PHE A 192 4.32 29.97 29.27
C PHE A 192 4.74 31.18 30.09
N ASN A 193 4.49 31.13 31.40
CA ASN A 193 4.89 32.21 32.29
C ASN A 193 6.39 32.30 32.58
N VAL A 194 7.07 31.16 32.67
CA VAL A 194 8.52 31.17 32.75
C VAL A 194 9.12 31.90 31.54
N TYR A 195 8.55 31.64 30.36
CA TYR A 195 9.04 32.29 29.14
C TYR A 195 8.72 33.79 29.13
N ASP A 196 7.49 34.14 29.45
CA ASP A 196 7.04 35.53 29.55
C ASP A 196 8.01 36.39 30.35
N GLN A 197 8.51 35.81 31.45
CA GLN A 197 9.42 36.49 32.35
C GLN A 197 10.81 36.61 31.77
N LEU A 198 11.28 35.55 31.14
CA LEU A 198 12.61 35.55 30.57
C LEU A 198 12.72 36.39 29.31
N GLN A 199 11.59 36.68 28.67
CA GLN A 199 11.61 37.44 27.42
C GLN A 199 11.57 38.95 27.59
N GLN A 200 11.14 39.41 28.76
CA GLN A 200 11.07 40.83 29.03
C GLN A 200 12.33 41.30 29.74
N MET B 1 -17.91 2.15 -21.71
CA MET B 1 -17.81 2.95 -20.49
C MET B 1 -16.78 4.08 -20.60
N ALA B 2 -15.56 3.74 -21.06
CA ALA B 2 -14.49 4.72 -21.27
C ALA B 2 -14.12 4.74 -22.73
N SER B 3 -13.88 5.92 -23.28
CA SER B 3 -13.76 6.07 -24.74
C SER B 3 -12.32 6.14 -25.24
N PHE B 4 -11.97 5.18 -26.10
CA PHE B 4 -10.66 5.14 -26.75
C PHE B 4 -10.62 5.97 -28.03
N ASP B 5 -10.72 7.29 -27.86
CA ASP B 5 -11.02 8.23 -28.94
C ASP B 5 -9.79 8.82 -29.61
N GLY B 6 -8.65 8.17 -29.43
CA GLY B 6 -7.46 8.54 -30.16
C GLY B 6 -7.49 7.90 -31.53
N GLN B 7 -6.40 8.06 -32.28
CA GLN B 7 -6.31 7.55 -33.63
C GLN B 7 -6.34 6.04 -33.65
N GLY B 8 -7.28 5.44 -34.36
CA GLY B 8 -7.29 4.00 -34.53
C GLY B 8 -6.38 3.58 -35.69
N PHE B 9 -6.11 2.29 -35.77
CA PHE B 9 -5.20 1.77 -36.79
C PHE B 9 -5.68 0.44 -37.35
N MET B 10 -5.48 0.21 -38.65
CA MET B 10 -5.89 -1.04 -39.26
C MET B 10 -4.73 -2.02 -39.43
N MET B 11 -4.86 -3.20 -38.83
CA MET B 11 -3.83 -4.23 -38.97
C MET B 11 -3.93 -4.92 -40.33
N VAL B 12 -2.91 -5.71 -40.67
CA VAL B 12 -2.83 -6.36 -41.98
C VAL B 12 -3.92 -7.42 -42.22
N ASP B 13 -4.64 -7.80 -41.16
CA ASP B 13 -5.75 -8.74 -41.27
C ASP B 13 -7.08 -7.99 -41.26
N ASN B 14 -6.99 -6.69 -41.52
CA ASN B 14 -8.17 -5.81 -41.62
C ASN B 14 -8.98 -5.62 -40.34
N SER B 15 -8.41 -5.98 -39.21
CA SER B 15 -9.05 -5.70 -37.93
C SER B 15 -8.60 -4.35 -37.38
N TRP B 16 -9.50 -3.67 -36.68
CA TRP B 16 -9.25 -2.30 -36.22
C TRP B 16 -8.79 -2.29 -34.75
N VAL B 17 -7.70 -1.57 -34.49
CA VAL B 17 -7.24 -1.36 -33.11
C VAL B 17 -7.51 0.08 -32.67
N GLN B 18 -8.21 0.26 -31.56
CA GLN B 18 -8.50 1.60 -31.06
C GLN B 18 -7.43 2.00 -30.07
N THR B 19 -7.05 3.28 -30.06
CA THR B 19 -6.00 3.72 -29.15
C THR B 19 -6.38 4.88 -28.24
N LYS B 20 -5.57 5.07 -27.20
CA LYS B 20 -5.69 6.21 -26.29
C LYS B 20 -4.34 6.40 -25.67
N ALA B 21 -3.85 7.63 -25.67
CA ALA B 21 -2.59 7.96 -25.02
C ALA B 21 -2.92 9.04 -23.98
N ILE B 22 -2.39 8.89 -22.78
CA ILE B 22 -2.77 9.76 -21.69
C ILE B 22 -1.51 10.30 -21.01
N ASP B 23 -1.51 11.59 -20.69
CA ASP B 23 -0.48 12.16 -19.85
C ASP B 23 -1.02 12.15 -18.44
N VAL B 24 -0.62 11.14 -17.68
CA VAL B 24 -1.12 11.00 -16.33
C VAL B 24 -0.64 12.15 -15.43
N GLU B 25 -1.59 12.99 -15.02
CA GLU B 25 -1.35 14.05 -14.06
C GLU B 25 -1.98 13.64 -12.74
N SER B 26 -1.74 14.41 -11.69
CA SER B 26 -2.23 14.05 -10.35
C SER B 26 -3.76 13.98 -10.24
N THR B 27 -4.46 14.59 -11.20
CA THR B 27 -5.92 14.61 -11.22
C THR B 27 -6.53 13.76 -12.35
N THR B 28 -5.68 13.00 -13.03
CA THR B 28 -6.11 12.09 -14.09
C THR B 28 -6.59 10.79 -13.46
N ASP B 29 -7.77 10.30 -13.84
CA ASP B 29 -8.21 9.01 -13.33
C ASP B 29 -8.06 7.97 -14.42
N ILE B 30 -7.05 7.11 -14.32
CA ILE B 30 -6.82 6.11 -15.36
C ILE B 30 -7.66 4.86 -15.17
N SER B 31 -8.40 4.78 -14.06
CA SER B 31 -9.21 3.60 -13.78
C SER B 31 -10.25 3.17 -14.84
N PRO B 32 -10.98 4.13 -15.45
CA PRO B 32 -11.85 3.75 -16.56
C PRO B 32 -11.13 3.07 -17.72
N TYR B 33 -9.91 3.51 -18.03
CA TYR B 33 -9.16 2.96 -19.16
C TYR B 33 -8.59 1.56 -18.87
N LEU B 34 -8.02 1.37 -17.68
CA LEU B 34 -7.62 0.04 -17.23
C LEU B 34 -8.81 -0.94 -17.18
N SER B 35 -10.00 -0.44 -16.85
CA SER B 35 -11.18 -1.30 -16.82
C SER B 35 -11.53 -1.81 -18.19
N LYS B 36 -11.35 -0.96 -19.19
CA LYS B 36 -11.69 -1.30 -20.56
C LYS B 36 -10.71 -2.36 -21.04
N ILE B 37 -9.44 -2.16 -20.68
CA ILE B 37 -8.39 -3.08 -21.08
C ILE B 37 -8.64 -4.44 -20.44
N LEU B 38 -8.99 -4.43 -19.16
CA LEU B 38 -9.27 -5.66 -18.44
C LEU B 38 -10.46 -6.38 -19.04
N GLU B 39 -11.49 -5.62 -19.38
CA GLU B 39 -12.75 -6.19 -19.87
C GLU B 39 -12.51 -6.82 -21.21
N ASP B 40 -11.70 -6.18 -22.04
CA ASP B 40 -11.42 -6.74 -23.34
C ASP B 40 -10.54 -7.98 -23.20
N SER B 41 -9.60 -7.93 -22.25
CA SER B 41 -8.75 -9.07 -21.96
C SER B 41 -9.57 -10.29 -21.54
N VAL B 42 -10.59 -10.05 -20.72
CA VAL B 42 -11.41 -11.13 -20.19
C VAL B 42 -12.30 -11.81 -21.23
N TRP B 43 -12.99 -11.03 -22.04
CA TRP B 43 -13.89 -11.58 -23.08
C TRP B 43 -13.20 -12.04 -24.37
N ASN B 44 -12.11 -11.39 -24.77
CA ASN B 44 -11.57 -11.60 -26.11
C ASN B 44 -10.09 -11.94 -26.20
N GLY B 45 -9.40 -12.00 -25.05
CA GLY B 45 -7.97 -12.22 -25.06
C GLY B 45 -7.46 -13.39 -24.22
N ASN B 46 -8.36 -14.23 -23.70
CA ASN B 46 -7.96 -15.32 -22.83
C ASN B 46 -7.13 -14.82 -21.66
N ARG B 47 -7.52 -13.65 -21.21
CA ARG B 47 -6.96 -13.04 -20.01
C ARG B 47 -5.48 -12.69 -20.13
N SER B 48 -5.03 -12.42 -21.35
CA SER B 48 -3.70 -11.92 -21.57
C SER B 48 -3.78 -10.40 -21.70
N ILE B 49 -2.71 -9.71 -21.31
CA ILE B 49 -2.58 -8.30 -21.61
C ILE B 49 -1.16 -8.12 -22.09
N VAL B 50 -0.99 -7.64 -23.31
CA VAL B 50 0.34 -7.40 -23.85
C VAL B 50 0.85 -6.09 -23.25
N PHE B 51 2.11 -6.06 -22.80
CA PHE B 51 2.66 -4.81 -22.28
C PHE B 51 4.09 -4.54 -22.75
N ASP B 52 4.45 -3.27 -22.82
CA ASP B 52 5.84 -2.88 -22.93
C ASP B 52 6.03 -1.72 -21.96
N VAL B 53 7.27 -1.46 -21.56
CA VAL B 53 7.60 -0.34 -20.69
C VAL B 53 8.76 0.44 -21.28
N TYR B 54 8.78 1.74 -21.05
CA TYR B 54 9.72 2.65 -21.71
C TYR B 54 10.48 3.47 -20.67
N TRP B 55 11.79 3.59 -20.84
CA TRP B 55 12.63 4.24 -19.84
C TRP B 55 13.29 5.51 -20.33
N ASP B 56 13.41 6.49 -19.44
CA ASP B 56 14.28 7.63 -19.69
C ASP B 56 15.46 7.50 -18.76
N VAL B 57 16.66 7.83 -19.25
CA VAL B 57 17.84 7.83 -18.39
C VAL B 57 18.35 9.25 -18.19
N LYS B 58 18.75 9.57 -16.98
CA LYS B 58 19.23 10.90 -16.66
C LYS B 58 20.60 10.80 -16.01
N SER B 59 21.33 11.92 -16.03
CA SER B 59 22.53 12.06 -15.23
C SER B 59 23.67 11.06 -15.51
N VAL B 60 23.86 10.63 -16.76
CA VAL B 60 24.89 9.62 -17.04
C VAL B 60 26.35 10.07 -16.85
N SER B 61 26.58 11.38 -16.73
CA SER B 61 27.95 11.87 -16.52
C SER B 61 28.45 11.70 -15.09
N THR B 62 27.56 11.30 -14.19
CA THR B 62 27.91 11.19 -12.78
C THR B 62 27.47 9.84 -12.26
N LYS B 63 26.19 9.60 -12.30
CA LYS B 63 25.62 8.34 -11.86
C LYS B 63 24.23 8.27 -12.49
N SER B 64 24.08 7.36 -13.45
CA SER B 64 22.88 7.35 -14.25
C SER B 64 21.71 6.92 -13.41
N GLU B 65 20.54 7.48 -13.68
CA GLU B 65 19.32 7.14 -12.94
C GLU B 65 18.25 6.77 -13.97
N TRP B 66 17.80 5.51 -13.95
CA TRP B 66 16.74 5.06 -14.86
C TRP B 66 15.41 5.34 -14.27
N ARG B 67 14.44 5.71 -15.10
CA ARG B 67 13.13 6.03 -14.58
C ARG B 67 12.02 5.68 -15.57
N LEU B 68 10.98 5.02 -15.08
CA LEU B 68 9.90 4.54 -15.96
C LEU B 68 9.13 5.75 -16.44
N CYS B 69 9.03 5.92 -17.77
CA CYS B 69 8.31 7.08 -18.30
C CYS B 69 7.04 6.77 -19.07
N SER B 70 6.95 5.62 -19.72
CA SER B 70 5.66 5.22 -20.30
C SER B 70 5.40 3.73 -20.20
N VAL B 71 4.13 3.33 -20.19
CA VAL B 71 3.78 1.93 -20.35
C VAL B 71 2.70 1.83 -21.40
N LYS B 72 2.68 0.69 -22.09
CA LYS B 72 1.70 0.40 -23.13
C LYS B 72 1.01 -0.90 -22.76
N PHE B 73 -0.33 -0.91 -22.80
CA PHE B 73 -1.08 -2.15 -22.64
C PHE B 73 -1.88 -2.40 -23.92
N SER B 74 -1.76 -3.61 -24.47
CA SER B 74 -2.52 -3.98 -25.66
C SER B 74 -3.38 -5.20 -25.40
N THR B 75 -4.59 -5.20 -25.94
CA THR B 75 -5.42 -6.40 -26.01
C THR B 75 -5.79 -6.58 -27.48
N LYS B 76 -6.72 -7.50 -27.80
CA LYS B 76 -7.09 -7.72 -29.21
C LYS B 76 -7.55 -6.41 -29.87
N ASN B 77 -8.38 -5.66 -29.17
CA ASN B 77 -9.03 -4.48 -29.75
C ASN B 77 -8.51 -3.11 -29.32
N PHE B 78 -7.76 -3.05 -28.22
CA PHE B 78 -7.35 -1.77 -27.68
C PHE B 78 -5.87 -1.67 -27.44
N CYS B 79 -5.34 -0.45 -27.62
CA CYS B 79 -3.98 -0.14 -27.20
C CYS B 79 -3.99 1.10 -26.31
N LEU B 80 -3.55 0.96 -25.06
CA LEU B 80 -3.54 2.06 -24.12
C LEU B 80 -2.12 2.53 -23.86
N PHE B 81 -1.88 3.82 -23.99
CA PHE B 81 -0.55 4.36 -23.76
C PHE B 81 -0.56 5.38 -22.62
N LEU B 82 0.16 5.08 -21.54
CA LEU B 82 0.25 5.98 -20.39
C LEU B 82 1.62 6.64 -20.34
N ARG B 83 1.68 7.96 -20.45
CA ARG B 83 2.93 8.67 -20.21
C ARG B 83 2.96 9.13 -18.76
N LEU B 84 3.99 8.71 -18.04
CA LEU B 84 4.04 8.94 -16.59
C LEU B 84 4.91 10.13 -16.24
N PRO B 85 4.58 10.83 -15.15
CA PRO B 85 5.29 12.04 -14.73
C PRO B 85 6.47 11.70 -13.83
N ASN B 86 7.37 12.67 -13.66
CA ASN B 86 8.48 12.54 -12.73
C ASN B 86 8.38 13.65 -11.72
N PRO B 87 8.16 13.28 -10.44
CA PRO B 87 7.93 11.90 -10.01
C PRO B 87 6.49 11.46 -10.23
N PHE B 88 6.19 10.24 -9.83
CA PHE B 88 4.83 9.72 -9.81
C PHE B 88 3.94 10.51 -8.87
N CYS B 89 2.69 10.63 -9.25
CA CYS B 89 1.67 11.19 -8.38
C CYS B 89 1.11 10.01 -7.58
N ASP B 90 0.50 10.26 -6.44
CA ASP B 90 0.12 9.15 -5.58
C ASP B 90 -0.99 8.24 -6.15
N ASN B 91 -1.81 8.80 -7.03
CA ASN B 91 -2.89 8.05 -7.65
C ASN B 91 -2.39 6.96 -8.60
N LEU B 92 -1.09 6.91 -8.86
CA LEU B 92 -0.54 5.85 -9.69
C LEU B 92 -0.45 4.51 -8.98
N LYS B 93 -0.93 4.45 -7.74
CA LYS B 93 -1.06 3.17 -7.06
C LYS B 93 -2.08 2.30 -7.79
N ASP B 94 -3.00 2.91 -8.53
CA ASP B 94 -3.90 2.15 -9.40
C ASP B 94 -3.09 1.32 -10.38
N LEU B 95 -2.06 1.93 -10.94
CA LEU B 95 -1.22 1.23 -11.90
C LEU B 95 -0.41 0.14 -11.18
N TYR B 96 0.05 0.41 -9.97
CA TYR B 96 0.76 -0.59 -9.20
C TYR B 96 -0.12 -1.83 -8.96
N ARG B 97 -1.39 -1.59 -8.65
CA ARG B 97 -2.31 -2.64 -8.28
C ARG B 97 -2.70 -3.47 -9.49
N PHE B 98 -2.76 -2.80 -10.63
CA PHE B 98 -3.08 -3.41 -11.91
C PHE B 98 -1.97 -4.36 -12.36
N PHE B 99 -0.73 -3.90 -12.31
CA PHE B 99 0.39 -4.76 -12.63
C PHE B 99 0.47 -5.99 -11.72
N ALA B 100 -0.02 -5.89 -10.49
CA ALA B 100 0.04 -7.01 -9.55
C ALA B 100 -1.17 -7.95 -9.65
N SER B 101 -2.03 -7.72 -10.64
CA SER B 101 -3.26 -8.48 -10.76
C SER B 101 -3.02 -9.92 -11.20
N LYS B 102 -3.66 -10.89 -10.54
CA LYS B 102 -3.64 -12.27 -11.02
C LYS B 102 -4.86 -12.62 -11.88
N PHE B 103 -5.73 -11.64 -12.14
CA PHE B 103 -6.85 -11.85 -13.05
C PHE B 103 -6.33 -12.16 -14.45
N VAL B 104 -5.16 -11.64 -14.75
CA VAL B 104 -4.61 -11.74 -16.10
C VAL B 104 -3.17 -12.22 -16.09
N THR B 105 -2.59 -12.34 -17.27
CA THR B 105 -1.18 -12.62 -17.41
C THR B 105 -0.60 -11.56 -18.31
N PHE B 106 0.41 -10.84 -17.79
CA PHE B 106 1.07 -9.78 -18.53
C PHE B 106 2.15 -10.37 -19.42
N VAL B 107 1.91 -10.31 -20.73
CA VAL B 107 2.79 -10.93 -21.71
C VAL B 107 3.67 -9.88 -22.35
N GLY B 108 4.97 -10.12 -22.36
CA GLY B 108 5.92 -9.16 -22.93
C GLY B 108 7.06 -9.85 -23.64
N VAL B 109 7.82 -9.09 -24.43
CA VAL B 109 8.99 -9.62 -25.14
C VAL B 109 10.27 -9.16 -24.46
N GLN B 110 11.16 -10.10 -24.11
CA GLN B 110 12.42 -9.77 -23.43
C GLN B 110 12.15 -8.85 -22.28
N ILE B 111 11.66 -9.39 -21.15
CA ILE B 111 11.31 -8.53 -20.04
C ILE B 111 12.10 -8.79 -18.75
N GLN B 112 13.08 -9.68 -18.81
CA GLN B 112 13.86 -10.03 -17.65
C GLN B 112 14.48 -8.78 -17.01
N GLU B 113 15.17 -7.98 -17.80
CA GLU B 113 15.79 -6.76 -17.30
C GLU B 113 14.76 -5.73 -16.84
N ASP B 114 13.64 -5.63 -17.56
CA ASP B 114 12.55 -4.73 -17.18
C ASP B 114 12.00 -5.01 -15.78
N LEU B 115 11.56 -6.25 -15.54
CA LEU B 115 11.10 -6.67 -14.22
C LEU B 115 12.08 -6.25 -13.12
N ALA B 116 13.37 -6.42 -13.38
CA ALA B 116 14.39 -6.03 -12.41
C ALA B 116 14.41 -4.52 -12.22
N LEU B 117 14.45 -3.76 -13.32
CA LEU B 117 14.41 -2.29 -13.22
C LEU B 117 13.12 -1.75 -12.56
N LEU B 118 11.98 -2.41 -12.82
CA LEU B 118 10.72 -1.98 -12.21
C LEU B 118 10.76 -2.15 -10.69
N LYS B 119 11.42 -3.19 -10.20
CA LYS B 119 11.53 -3.40 -8.75
C LYS B 119 12.49 -2.42 -8.13
N GLU B 120 13.70 -2.37 -8.67
CA GLU B 120 14.77 -1.56 -8.09
C GLU B 120 14.44 -0.09 -8.05
N ASN B 121 13.88 0.43 -9.13
CA ASN B 121 13.60 1.85 -9.22
C ASN B 121 12.22 2.30 -8.79
N HIS B 122 11.26 1.38 -8.68
CA HIS B 122 9.89 1.79 -8.36
C HIS B 122 9.14 0.84 -7.44
N GLY B 123 9.68 -0.34 -7.20
CA GLY B 123 8.96 -1.36 -6.46
C GLY B 123 7.66 -1.75 -7.16
N ILE B 124 7.58 -1.50 -8.46
CA ILE B 124 6.53 -2.08 -9.26
C ILE B 124 6.80 -3.59 -9.35
N VAL B 125 5.77 -4.38 -9.09
CA VAL B 125 5.92 -5.82 -9.07
C VAL B 125 4.85 -6.40 -9.95
N ILE B 126 5.23 -7.36 -10.79
CA ILE B 126 4.30 -8.07 -11.65
C ILE B 126 4.22 -9.57 -11.26
N ARG B 127 3.16 -9.92 -10.53
CA ARG B 127 3.04 -11.27 -10.01
C ARG B 127 2.74 -12.31 -11.10
N SER B 128 2.04 -11.88 -12.14
CA SER B 128 1.71 -12.81 -13.22
C SER B 128 2.26 -12.33 -14.59
N SER B 129 3.49 -12.72 -14.90
CA SER B 129 4.09 -12.33 -16.17
C SER B 129 4.51 -13.54 -16.98
N LEU B 130 4.65 -13.33 -18.27
CA LEU B 130 5.18 -14.33 -19.18
C LEU B 130 6.13 -13.64 -20.14
N GLU B 131 7.39 -14.05 -20.13
CA GLU B 131 8.35 -13.67 -21.15
C GLU B 131 8.15 -14.57 -22.36
N ILE B 132 7.43 -14.08 -23.36
CA ILE B 132 6.85 -14.95 -24.38
C ILE B 132 7.88 -15.70 -25.24
N GLY B 133 9.04 -15.11 -25.46
CA GLY B 133 10.05 -15.77 -26.24
C GLY B 133 10.54 -17.04 -25.58
N LYS B 134 10.47 -17.09 -24.25
CA LYS B 134 10.92 -18.27 -23.53
C LYS B 134 9.95 -19.41 -23.77
N LEU B 135 8.66 -19.11 -23.64
CA LEU B 135 7.62 -20.11 -23.84
C LEU B 135 7.68 -20.65 -25.27
N ALA B 136 7.78 -19.74 -26.22
CA ALA B 136 7.80 -20.10 -27.64
C ALA B 136 8.96 -21.03 -27.94
N ALA B 137 10.15 -20.62 -27.56
CA ALA B 137 11.34 -21.46 -27.67
C ALA B 137 11.13 -22.90 -27.15
N LYS B 138 10.58 -23.03 -25.94
CA LYS B 138 10.38 -24.33 -25.32
C LYS B 138 9.34 -25.18 -26.05
N ALA B 139 8.26 -24.54 -26.49
CA ALA B 139 7.14 -25.23 -27.12
C ALA B 139 7.39 -25.60 -28.58
N ARG B 140 8.17 -24.80 -29.29
CA ARG B 140 8.42 -25.06 -30.71
C ARG B 140 9.80 -25.67 -30.98
N GLY B 141 10.58 -25.88 -29.93
CA GLY B 141 11.91 -26.45 -30.06
C GLY B 141 12.84 -25.71 -31.02
N THR B 142 12.77 -24.38 -31.01
CA THR B 142 13.68 -23.53 -31.79
C THR B 142 14.31 -22.48 -30.89
N PRO B 143 15.48 -22.79 -30.31
CA PRO B 143 16.17 -22.01 -29.27
C PRO B 143 16.35 -20.52 -29.57
N ILE B 144 16.48 -20.13 -30.84
CA ILE B 144 16.82 -18.75 -31.18
C ILE B 144 15.69 -17.78 -30.84
N VAL B 145 14.48 -18.33 -30.78
CA VAL B 145 13.28 -17.55 -30.57
C VAL B 145 13.32 -16.80 -29.22
N GLU B 146 14.06 -17.35 -28.27
CA GLU B 146 14.20 -16.72 -26.95
C GLU B 146 14.91 -15.37 -27.01
N PHE B 147 15.80 -15.19 -27.96
CA PHE B 147 16.65 -14.01 -28.00
C PHE B 147 16.23 -13.01 -29.05
N LEU B 148 15.03 -13.17 -29.59
CA LEU B 148 14.53 -12.23 -30.59
C LEU B 148 13.72 -11.07 -30.00
N GLY B 149 13.80 -9.92 -30.67
CA GLY B 149 13.00 -8.77 -30.30
C GLY B 149 11.57 -9.01 -30.73
N THR B 150 10.71 -8.02 -30.51
CA THR B 150 9.29 -8.14 -30.82
C THR B 150 9.02 -8.54 -32.27
N ARG B 151 9.51 -7.73 -33.20
CA ARG B 151 9.24 -7.97 -34.62
C ARG B 151 9.75 -9.31 -35.10
N GLU B 152 11.01 -9.62 -34.81
CA GLU B 152 11.61 -10.85 -35.35
C GLU B 152 11.02 -12.12 -34.75
N LEU B 153 10.60 -12.07 -33.49
CA LEU B 153 9.84 -13.16 -32.91
C LEU B 153 8.51 -13.32 -33.65
N ALA B 154 7.77 -12.22 -33.77
CA ALA B 154 6.49 -12.22 -34.47
C ALA B 154 6.61 -12.79 -35.90
N HIS B 155 7.73 -12.52 -36.55
CA HIS B 155 7.99 -13.06 -37.89
C HIS B 155 8.13 -14.57 -37.90
N LYS B 156 8.89 -15.13 -36.94
CA LYS B 156 9.17 -16.57 -36.94
C LYS B 156 7.96 -17.42 -36.55
N ILE B 157 6.92 -16.80 -36.03
CA ILE B 157 5.79 -17.56 -35.50
C ILE B 157 4.49 -17.31 -36.26
N LEU B 158 4.37 -16.12 -36.85
CA LEU B 158 3.15 -15.75 -37.55
C LEU B 158 3.32 -15.63 -39.06
N TRP B 159 4.46 -15.09 -39.49
CA TRP B 159 4.73 -14.84 -40.90
C TRP B 159 3.71 -13.90 -41.55
N TYR B 160 3.22 -12.92 -40.78
CA TYR B 160 2.36 -11.87 -41.34
C TYR B 160 3.22 -10.83 -42.03
N ASP B 161 2.57 -9.96 -42.78
CA ASP B 161 3.25 -8.86 -43.43
C ASP B 161 3.64 -7.80 -42.39
N MET B 162 4.87 -7.29 -42.48
CA MET B 162 5.30 -6.28 -41.52
C MET B 162 5.98 -5.10 -42.19
N SER B 163 5.70 -4.91 -43.47
CA SER B 163 6.21 -3.79 -44.24
C SER B 163 5.98 -2.46 -43.51
N ARG B 164 4.78 -2.27 -42.99
CA ARG B 164 4.41 -1.00 -42.40
C ARG B 164 5.23 -0.74 -41.16
N LEU B 165 5.28 -1.74 -40.28
CA LEU B 165 6.11 -1.67 -39.08
C LEU B 165 7.57 -1.39 -39.46
N ASP B 166 8.16 -2.25 -40.29
CA ASP B 166 9.54 -2.10 -40.72
C ASP B 166 9.78 -0.72 -41.30
N SER B 167 8.84 -0.24 -42.11
CA SER B 167 8.96 1.08 -42.71
C SER B 167 9.09 2.17 -41.65
N ILE B 168 8.24 2.10 -40.62
CA ILE B 168 8.23 3.11 -39.54
C ILE B 168 9.47 3.03 -38.68
N GLN B 169 9.84 1.82 -38.27
CA GLN B 169 10.93 1.64 -37.32
C GLN B 169 12.31 1.89 -37.94
N SER B 170 12.43 1.70 -39.25
CA SER B 170 13.71 1.89 -39.90
C SER B 170 14.11 3.38 -39.96
N LYS B 171 13.11 4.25 -40.00
CA LYS B 171 13.37 5.68 -40.01
C LYS B 171 12.77 6.37 -38.78
N TRP B 172 12.99 5.73 -37.64
CA TRP B 172 12.38 6.10 -36.36
C TRP B 172 12.67 7.55 -35.94
N ASP B 173 13.88 8.02 -36.23
CA ASP B 173 14.24 9.38 -35.88
C ASP B 173 13.38 10.46 -36.52
N GLU B 174 12.77 10.13 -37.66
CA GLU B 174 12.00 11.12 -38.41
C GLU B 174 10.53 10.73 -38.57
N ALA B 175 10.07 9.87 -37.65
CA ALA B 175 8.67 9.44 -37.65
C ALA B 175 7.82 10.36 -36.76
N SER B 176 6.68 10.76 -37.29
CA SER B 176 5.69 11.58 -36.55
C SER B 176 5.25 10.84 -35.30
N SER B 177 4.67 11.55 -34.34
CA SER B 177 4.22 10.87 -33.12
C SER B 177 3.09 9.89 -33.45
N ASN B 178 2.29 10.23 -34.44
CA ASN B 178 1.24 9.32 -34.88
C ASN B 178 1.83 8.03 -35.44
N ASP B 179 2.90 8.15 -36.21
CA ASP B 179 3.59 6.99 -36.76
C ASP B 179 4.08 6.06 -35.66
N ARG B 180 4.72 6.65 -34.64
CA ARG B 180 5.26 5.91 -33.50
C ARG B 180 4.19 5.16 -32.70
N LEU B 181 3.05 5.81 -32.50
CA LEU B 181 1.90 5.13 -31.91
C LEU B 181 1.52 3.91 -32.73
N GLU B 182 1.33 4.10 -34.03
CA GLU B 182 1.00 2.98 -34.93
C GLU B 182 1.97 1.80 -34.78
N ALA B 183 3.26 2.09 -34.76
CA ALA B 183 4.26 1.05 -34.56
C ALA B 183 4.01 0.31 -33.26
N ALA B 184 3.79 1.07 -32.18
CA ALA B 184 3.53 0.51 -30.86
C ALA B 184 2.29 -0.37 -30.85
N ALA B 185 1.20 0.16 -31.44
CA ALA B 185 -0.05 -0.58 -31.52
C ALA B 185 0.13 -1.86 -32.33
N ILE B 186 0.86 -1.78 -33.44
CA ILE B 186 1.09 -2.97 -34.27
C ILE B 186 1.85 -4.04 -33.50
N GLU B 187 2.90 -3.61 -32.81
CA GLU B 187 3.73 -4.53 -32.05
C GLU B 187 2.87 -5.21 -31.00
N GLY B 188 2.01 -4.43 -30.34
CA GLY B 188 1.06 -4.99 -29.38
C GLY B 188 0.17 -6.06 -29.98
N TRP B 189 -0.36 -5.77 -31.17
CA TRP B 189 -1.26 -6.68 -31.85
C TRP B 189 -0.50 -7.95 -32.26
N LEU B 190 0.73 -7.79 -32.76
CA LEU B 190 1.55 -8.94 -33.12
C LEU B 190 1.81 -9.86 -31.93
N ILE B 191 2.28 -9.31 -30.81
CA ILE B 191 2.54 -10.13 -29.64
C ILE B 191 1.29 -10.83 -29.14
N PHE B 192 0.15 -10.14 -29.22
CA PHE B 192 -1.11 -10.77 -28.83
C PHE B 192 -1.42 -12.03 -29.66
N ASN B 193 -1.23 -11.94 -30.97
CA ASN B 193 -1.46 -13.09 -31.84
C ASN B 193 -0.45 -14.21 -31.65
N VAL B 194 0.79 -13.84 -31.33
CA VAL B 194 1.78 -14.82 -30.94
C VAL B 194 1.27 -15.63 -29.74
N TYR B 195 0.77 -14.91 -28.72
CA TYR B 195 0.24 -15.57 -27.53
C TYR B 195 -0.99 -16.41 -27.85
N ASP B 196 -1.87 -15.90 -28.71
CA ASP B 196 -3.10 -16.58 -29.09
C ASP B 196 -2.77 -17.94 -29.66
N GLN B 197 -1.67 -17.99 -30.41
CA GLN B 197 -1.20 -19.18 -31.09
C GLN B 197 -0.60 -20.21 -30.13
N LEU B 198 0.14 -19.75 -29.13
CA LEU B 198 0.80 -20.67 -28.21
C LEU B 198 -0.12 -21.13 -27.08
N GLN B 199 -1.28 -20.50 -26.93
CA GLN B 199 -2.14 -20.77 -25.77
C GLN B 199 -3.16 -21.86 -26.04
N GLN B 200 -3.44 -22.10 -27.32
CA GLN B 200 -4.35 -23.16 -27.69
C GLN B 200 -3.59 -24.44 -27.95
N MET C 1 -17.52 -24.98 17.87
CA MET C 1 -16.61 -24.44 16.86
C MET C 1 -17.12 -23.06 16.41
N ALA C 2 -16.42 -22.44 15.46
CA ALA C 2 -16.80 -21.13 14.95
C ALA C 2 -17.73 -21.22 13.75
N SER C 3 -18.51 -20.17 13.54
CA SER C 3 -19.54 -20.20 12.51
C SER C 3 -19.20 -19.33 11.29
N PHE C 4 -19.33 -19.94 10.12
CA PHE C 4 -19.11 -19.25 8.86
C PHE C 4 -20.41 -18.63 8.35
N ASP C 5 -20.89 -17.64 9.12
CA ASP C 5 -22.24 -17.10 8.99
C ASP C 5 -22.40 -16.06 7.87
N GLY C 6 -21.32 -15.81 7.16
CA GLY C 6 -21.36 -14.90 6.02
C GLY C 6 -22.03 -15.50 4.79
N GLN C 7 -22.11 -14.70 3.73
CA GLN C 7 -22.82 -15.05 2.50
C GLN C 7 -22.26 -16.30 1.83
N GLY C 8 -23.08 -17.33 1.69
CA GLY C 8 -22.67 -18.55 1.03
C GLY C 8 -22.92 -18.48 -0.46
N PHE C 9 -22.23 -19.30 -1.23
CA PHE C 9 -22.36 -19.27 -2.69
C PHE C 9 -22.42 -20.67 -3.29
N MET C 10 -23.22 -20.84 -4.35
CA MET C 10 -23.23 -22.12 -5.05
C MET C 10 -22.29 -22.20 -6.24
N MET C 11 -21.48 -23.25 -6.28
CA MET C 11 -20.57 -23.48 -7.40
C MET C 11 -21.31 -24.11 -8.59
N VAL C 12 -20.62 -24.26 -9.72
CA VAL C 12 -21.25 -24.79 -10.92
C VAL C 12 -21.55 -26.30 -10.88
N ASP C 13 -21.09 -26.98 -9.84
CA ASP C 13 -21.45 -28.38 -9.65
C ASP C 13 -22.44 -28.57 -8.49
N ASN C 14 -23.13 -27.48 -8.15
CA ASN C 14 -24.16 -27.45 -7.10
C ASN C 14 -23.70 -27.83 -5.70
N SER C 15 -22.45 -27.49 -5.39
CA SER C 15 -21.92 -27.66 -4.04
C SER C 15 -21.76 -26.31 -3.36
N TRP C 16 -22.03 -26.28 -2.06
CA TRP C 16 -22.08 -25.05 -1.30
C TRP C 16 -20.72 -24.68 -0.66
N VAL C 17 -20.34 -23.41 -0.81
CA VAL C 17 -19.17 -22.89 -0.11
C VAL C 17 -19.59 -21.81 0.91
N GLN C 18 -19.30 -22.04 2.18
CA GLN C 18 -19.59 -21.07 3.24
C GLN C 18 -18.42 -20.11 3.38
N THR C 19 -18.71 -18.84 3.66
CA THR C 19 -17.65 -17.85 3.80
C THR C 19 -17.69 -17.12 5.11
N LYS C 20 -16.59 -16.45 5.42
CA LYS C 20 -16.53 -15.54 6.55
C LYS C 20 -15.44 -14.55 6.25
N ALA C 21 -15.75 -13.26 6.32
CA ALA C 21 -14.72 -12.23 6.24
C ALA C 21 -14.62 -11.57 7.61
N ILE C 22 -13.39 -11.26 8.02
CA ILE C 22 -13.15 -10.73 9.36
C ILE C 22 -12.23 -9.53 9.23
N ASP C 23 -12.52 -8.48 9.99
CA ASP C 23 -11.62 -7.34 10.08
C ASP C 23 -10.78 -7.52 11.32
N VAL C 24 -9.67 -8.22 11.19
CA VAL C 24 -8.83 -8.53 12.35
C VAL C 24 -8.43 -7.30 13.16
N GLU C 25 -8.67 -7.37 14.46
CA GLU C 25 -8.26 -6.32 15.39
C GLU C 25 -7.49 -6.96 16.53
N SER C 26 -6.99 -6.12 17.44
CA SER C 26 -6.16 -6.59 18.54
C SER C 26 -6.94 -7.52 19.48
N THR C 27 -8.26 -7.36 19.47
CA THR C 27 -9.15 -8.07 20.37
C THR C 27 -9.78 -9.28 19.68
N THR C 28 -9.65 -9.35 18.36
CA THR C 28 -10.22 -10.42 17.55
C THR C 28 -9.44 -11.73 17.69
N ASP C 29 -10.12 -12.82 18.03
CA ASP C 29 -9.47 -14.13 18.06
C ASP C 29 -9.77 -14.92 16.78
N ILE C 30 -8.76 -15.10 15.94
CA ILE C 30 -8.99 -15.77 14.65
C ILE C 30 -8.79 -17.27 14.75
N SER C 31 -8.29 -17.73 15.90
CA SER C 31 -8.00 -19.16 16.08
C SER C 31 -9.13 -20.17 15.84
N PRO C 32 -10.39 -19.84 16.20
CA PRO C 32 -11.48 -20.75 15.87
C PRO C 32 -11.70 -20.88 14.36
N TYR C 33 -11.47 -19.79 13.64
CA TYR C 33 -11.73 -19.76 12.22
C TYR C 33 -10.61 -20.45 11.45
N LEU C 34 -9.37 -20.28 11.89
CA LEU C 34 -8.27 -21.07 11.33
C LEU C 34 -8.47 -22.55 11.66
N SER C 35 -8.92 -22.85 12.87
CA SER C 35 -9.22 -24.24 13.27
C SER C 35 -10.20 -24.92 12.34
N LYS C 36 -11.22 -24.17 11.92
CA LYS C 36 -12.26 -24.73 11.06
C LYS C 36 -11.68 -25.04 9.68
N ILE C 37 -10.92 -24.08 9.15
CA ILE C 37 -10.18 -24.27 7.89
C ILE C 37 -9.30 -25.51 7.95
N LEU C 38 -8.47 -25.60 8.99
CA LEU C 38 -7.56 -26.72 9.20
C LEU C 38 -8.29 -28.06 9.24
N GLU C 39 -9.38 -28.08 10.01
CA GLU C 39 -10.21 -29.27 10.18
C GLU C 39 -10.77 -29.73 8.85
N ASP C 40 -11.36 -28.81 8.07
CA ASP C 40 -11.88 -29.19 6.77
C ASP C 40 -10.77 -29.68 5.84
N SER C 41 -9.59 -29.09 5.97
CA SER C 41 -8.47 -29.46 5.12
C SER C 41 -8.05 -30.89 5.40
N VAL C 42 -8.01 -31.26 6.67
CA VAL C 42 -7.61 -32.62 7.04
C VAL C 42 -8.62 -33.68 6.55
N TRP C 43 -9.89 -33.48 6.86
CA TRP C 43 -10.90 -34.49 6.51
C TRP C 43 -11.27 -34.51 5.04
N ASN C 44 -11.33 -33.34 4.41
CA ASN C 44 -11.93 -33.28 3.07
C ASN C 44 -11.07 -32.69 1.98
N GLY C 45 -9.81 -32.41 2.26
CA GLY C 45 -8.98 -31.68 1.32
C GLY C 45 -7.57 -32.21 1.09
N ASN C 46 -7.29 -33.42 1.56
CA ASN C 46 -5.96 -34.02 1.41
C ASN C 46 -4.88 -33.08 1.92
N ARG C 47 -5.23 -32.39 3.00
CA ARG C 47 -4.33 -31.49 3.68
C ARG C 47 -3.80 -30.35 2.79
N SER C 48 -4.63 -29.90 1.87
CA SER C 48 -4.31 -28.71 1.09
C SER C 48 -5.13 -27.57 1.64
N ILE C 49 -4.55 -26.38 1.61
CA ILE C 49 -5.27 -25.15 1.90
C ILE C 49 -4.93 -24.18 0.79
N VAL C 50 -5.92 -23.77 0.01
CA VAL C 50 -5.71 -22.85 -1.09
C VAL C 50 -5.61 -21.43 -0.53
N PHE C 51 -4.64 -20.66 -1.00
CA PHE C 51 -4.51 -19.29 -0.49
C PHE C 51 -4.20 -18.25 -1.56
N ASP C 52 -4.53 -17.02 -1.22
CA ASP C 52 -4.18 -15.87 -2.04
C ASP C 52 -3.86 -14.76 -1.06
N VAL C 53 -2.99 -13.84 -1.43
CA VAL C 53 -2.70 -12.68 -0.59
C VAL C 53 -2.91 -11.39 -1.38
N TYR C 54 -3.27 -10.31 -0.69
CA TYR C 54 -3.61 -9.05 -1.34
C TYR C 54 -2.80 -7.92 -0.76
N TRP C 55 -2.26 -7.05 -1.61
CA TRP C 55 -1.36 -6.01 -1.14
C TRP C 55 -1.90 -4.60 -1.28
N ASP C 56 -1.52 -3.73 -0.37
CA ASP C 56 -1.80 -2.31 -0.52
C ASP C 56 -0.48 -1.59 -0.70
N VAL C 57 -0.38 -0.69 -1.67
CA VAL C 57 0.84 0.08 -1.86
C VAL C 57 0.63 1.55 -1.47
N LYS C 58 1.61 2.12 -0.79
CA LYS C 58 1.53 3.51 -0.36
C LYS C 58 2.76 4.27 -0.82
N SER C 59 2.66 5.59 -0.87
CA SER C 59 3.84 6.44 -0.92
C SER C 59 4.63 6.29 -2.23
N VAL C 60 3.90 5.97 -3.27
CA VAL C 60 4.42 5.75 -4.59
C VAL C 60 5.16 6.97 -5.17
N SER C 61 4.79 8.17 -4.75
CA SER C 61 5.48 9.38 -5.22
C SER C 61 6.89 9.57 -4.65
N THR C 62 7.35 8.60 -3.86
CA THR C 62 8.50 8.78 -2.99
C THR C 62 9.33 7.49 -2.97
N LYS C 63 8.86 6.51 -2.20
CA LYS C 63 9.52 5.24 -2.10
C LYS C 63 8.36 4.33 -1.75
N SER C 64 7.97 3.48 -2.69
CA SER C 64 6.77 2.71 -2.51
C SER C 64 6.95 1.74 -1.36
N GLU C 65 5.87 1.52 -0.59
CA GLU C 65 5.87 0.62 0.56
C GLU C 65 4.72 -0.37 0.38
N TRP C 66 5.04 -1.67 0.33
CA TRP C 66 4.04 -2.72 0.17
C TRP C 66 3.65 -3.28 1.52
N ARG C 67 2.37 -3.48 1.75
CA ARG C 67 1.91 -4.01 3.03
C ARG C 67 0.82 -5.02 2.76
N LEU C 68 0.87 -6.15 3.47
CA LEU C 68 -0.15 -7.17 3.35
C LEU C 68 -1.45 -6.64 3.94
N CYS C 69 -2.47 -6.47 3.11
CA CYS C 69 -3.73 -5.93 3.60
C CYS C 69 -4.84 -6.97 3.80
N SER C 70 -4.84 -8.04 3.03
CA SER C 70 -5.72 -9.18 3.36
C SER C 70 -5.21 -10.52 2.85
N VAL C 71 -5.67 -11.61 3.47
CA VAL C 71 -5.36 -12.95 2.98
C VAL C 71 -6.62 -13.81 2.88
N LYS C 72 -6.63 -14.74 1.92
CA LYS C 72 -7.77 -15.63 1.72
C LYS C 72 -7.33 -17.07 1.90
N PHE C 73 -8.10 -17.84 2.67
CA PHE C 73 -7.89 -19.29 2.78
C PHE C 73 -9.12 -20.04 2.31
N SER C 74 -8.91 -20.95 1.36
CA SER C 74 -10.01 -21.74 0.80
C SER C 74 -9.77 -23.23 0.97
N THR C 75 -10.79 -23.95 1.41
CA THR C 75 -10.78 -25.40 1.39
C THR C 75 -11.93 -25.87 0.49
N LYS C 76 -12.27 -27.16 0.55
CA LYS C 76 -13.37 -27.68 -0.26
C LYS C 76 -14.67 -26.95 0.06
N ASN C 77 -14.90 -26.69 1.34
CA ASN C 77 -16.20 -26.23 1.84
C ASN C 77 -16.26 -24.83 2.45
N PHE C 78 -15.10 -24.26 2.77
CA PHE C 78 -15.07 -22.97 3.43
C PHE C 78 -14.18 -22.01 2.66
N CYS C 79 -14.48 -20.72 2.77
CA CYS C 79 -13.58 -19.67 2.32
C CYS C 79 -13.48 -18.63 3.42
N LEU C 80 -12.27 -18.44 3.96
CA LEU C 80 -12.05 -17.48 5.03
C LEU C 80 -11.31 -16.26 4.53
N PHE C 81 -11.81 -15.08 4.86
CA PHE C 81 -11.23 -13.84 4.39
C PHE C 81 -10.82 -12.97 5.58
N LEU C 82 -9.54 -12.62 5.66
CA LEU C 82 -9.03 -11.84 6.79
C LEU C 82 -8.49 -10.51 6.32
N ARG C 83 -9.14 -9.39 6.66
CA ARG C 83 -8.56 -8.06 6.39
C ARG C 83 -7.65 -7.68 7.55
N LEU C 84 -6.43 -7.28 7.25
CA LEU C 84 -5.42 -7.07 8.29
C LEU C 84 -5.13 -5.59 8.51
N PRO C 85 -4.94 -5.19 9.78
CA PRO C 85 -4.72 -3.79 10.14
C PRO C 85 -3.33 -3.33 9.77
N ASN C 86 -3.09 -2.03 9.86
CA ASN C 86 -1.76 -1.48 9.69
C ASN C 86 -1.41 -0.61 10.89
N PRO C 87 -0.35 -0.99 11.63
CA PRO C 87 0.41 -2.24 11.53
C PRO C 87 -0.38 -3.47 12.01
N PHE C 88 0.27 -4.63 11.99
CA PHE C 88 -0.33 -5.81 12.57
C PHE C 88 -0.46 -5.60 14.06
N CYS C 89 -1.42 -6.25 14.67
CA CYS C 89 -1.53 -6.31 16.11
C CYS C 89 -0.77 -7.56 16.56
N ASP C 90 -0.26 -7.58 17.79
CA ASP C 90 0.66 -8.65 18.15
C ASP C 90 0.07 -10.05 18.22
N ASN C 91 -1.25 -10.17 18.26
CA ASN C 91 -1.91 -11.48 18.24
C ASN C 91 -1.91 -12.13 16.84
N LEU C 92 -1.50 -11.37 15.83
CA LEU C 92 -1.36 -11.91 14.48
C LEU C 92 -0.21 -12.92 14.35
N LYS C 93 0.48 -13.20 15.45
CA LYS C 93 1.50 -14.25 15.38
C LYS C 93 0.84 -15.61 15.25
N ASP C 94 -0.48 -15.68 15.48
CA ASP C 94 -1.24 -16.88 15.17
C ASP C 94 -1.25 -17.14 13.67
N LEU C 95 -1.37 -16.07 12.89
CA LEU C 95 -1.29 -16.18 11.44
C LEU C 95 0.12 -16.60 11.01
N TYR C 96 1.14 -16.07 11.67
CA TYR C 96 2.50 -16.45 11.34
C TYR C 96 2.73 -17.95 11.58
N ARG C 97 2.21 -18.43 12.69
CA ARG C 97 2.41 -19.81 13.12
C ARG C 97 1.72 -20.72 12.12
N PHE C 98 0.56 -20.29 11.67
CA PHE C 98 -0.32 -21.03 10.75
C PHE C 98 0.32 -21.16 9.38
N PHE C 99 0.86 -20.06 8.88
CA PHE C 99 1.50 -20.04 7.59
C PHE C 99 2.72 -20.96 7.60
N ALA C 100 3.37 -21.05 8.76
CA ALA C 100 4.57 -21.87 8.88
C ALA C 100 4.27 -23.34 9.10
N SER C 101 2.98 -23.70 9.19
CA SER C 101 2.61 -25.07 9.49
C SER C 101 3.05 -26.10 8.44
N LYS C 102 3.48 -27.29 8.89
CA LYS C 102 3.76 -28.39 7.97
C LYS C 102 2.65 -29.47 7.98
N PHE C 103 1.57 -29.21 8.73
CA PHE C 103 0.41 -30.08 8.75
C PHE C 103 -0.25 -30.09 7.38
N VAL C 104 0.02 -29.04 6.61
CA VAL C 104 -0.71 -28.82 5.39
C VAL C 104 0.25 -28.34 4.32
N THR C 105 -0.27 -28.18 3.12
CA THR C 105 0.48 -27.56 2.04
C THR C 105 -0.32 -26.37 1.55
N PHE C 106 0.27 -25.18 1.55
CA PHE C 106 -0.44 -23.99 1.06
C PHE C 106 -0.32 -23.86 -0.46
N VAL C 107 -1.47 -23.97 -1.15
CA VAL C 107 -1.52 -24.01 -2.59
C VAL C 107 -1.96 -22.67 -3.16
N GLY C 108 -1.16 -22.13 -4.06
CA GLY C 108 -1.46 -20.83 -4.62
C GLY C 108 -1.09 -20.78 -6.09
N VAL C 109 -1.47 -19.70 -6.75
CA VAL C 109 -1.20 -19.51 -8.17
C VAL C 109 -0.23 -18.37 -8.32
N GLN C 110 0.84 -18.60 -9.10
CA GLN C 110 1.85 -17.56 -9.33
C GLN C 110 2.19 -16.90 -8.01
N ILE C 111 2.96 -17.59 -7.17
CA ILE C 111 3.21 -17.08 -5.82
C ILE C 111 4.67 -16.76 -5.49
N GLN C 112 5.54 -16.81 -6.50
CA GLN C 112 6.96 -16.52 -6.31
C GLN C 112 7.19 -15.13 -5.70
N GLU C 113 6.70 -14.10 -6.38
CA GLU C 113 6.81 -12.72 -5.90
C GLU C 113 6.12 -12.53 -4.55
N ASP C 114 5.02 -13.24 -4.32
CA ASP C 114 4.29 -13.12 -3.08
C ASP C 114 5.13 -13.57 -1.90
N LEU C 115 5.72 -14.76 -2.02
CA LEU C 115 6.56 -15.32 -0.98
C LEU C 115 7.69 -14.36 -0.65
N ALA C 116 8.22 -13.72 -1.68
CA ALA C 116 9.35 -12.80 -1.49
C ALA C 116 8.90 -11.55 -0.72
N LEU C 117 7.81 -10.92 -1.16
CA LEU C 117 7.26 -9.76 -0.47
C LEU C 117 6.87 -10.11 0.96
N LEU C 118 6.39 -11.33 1.18
CA LEU C 118 5.97 -11.75 2.52
C LEU C 118 7.17 -11.81 3.44
N LYS C 119 8.34 -12.14 2.88
CA LYS C 119 9.57 -12.16 3.66
C LYS C 119 10.13 -10.76 3.93
N GLU C 120 10.30 -9.96 2.87
CA GLU C 120 10.94 -8.63 2.97
C GLU C 120 10.17 -7.71 3.91
N ASN C 121 8.86 -7.74 3.79
CA ASN C 121 8.00 -6.79 4.47
C ASN C 121 7.41 -7.24 5.80
N HIS C 122 7.35 -8.54 6.08
CA HIS C 122 6.70 -9.02 7.30
C HIS C 122 7.42 -10.18 7.99
N GLY C 123 8.35 -10.83 7.29
CA GLY C 123 8.96 -12.02 7.86
C GLY C 123 7.95 -13.16 7.94
N ILE C 124 6.92 -13.10 7.11
CA ILE C 124 6.02 -14.24 7.01
C ILE C 124 6.70 -15.29 6.16
N VAL C 125 6.80 -16.49 6.71
CA VAL C 125 7.49 -17.58 6.07
C VAL C 125 6.50 -18.71 5.82
N ILE C 126 6.50 -19.25 4.62
CA ILE C 126 5.64 -20.37 4.32
C ILE C 126 6.49 -21.63 4.04
N ARG C 127 6.61 -22.50 5.04
CA ARG C 127 7.49 -23.65 4.92
C ARG C 127 7.00 -24.73 3.98
N SER C 128 5.69 -24.77 3.73
CA SER C 128 5.14 -25.80 2.88
C SER C 128 4.19 -25.21 1.84
N SER C 129 4.76 -24.73 0.74
CA SER C 129 3.96 -24.12 -0.33
C SER C 129 4.06 -24.94 -1.59
N LEU C 130 3.11 -24.70 -2.48
CA LEU C 130 3.11 -25.27 -3.81
C LEU C 130 2.66 -24.21 -4.82
N GLU C 131 3.49 -23.89 -5.80
CA GLU C 131 3.04 -23.08 -6.93
C GLU C 131 2.39 -24.01 -7.94
N ILE C 132 1.06 -24.07 -7.90
CA ILE C 132 0.30 -25.11 -8.60
C ILE C 132 0.56 -25.18 -10.11
N GLY C 133 0.81 -24.03 -10.74
CA GLY C 133 1.08 -24.01 -12.16
C GLY C 133 2.34 -24.77 -12.51
N LYS C 134 3.41 -24.57 -11.72
CA LYS C 134 4.69 -25.26 -11.94
C LYS C 134 4.54 -26.77 -11.87
N LEU C 135 3.62 -27.23 -11.04
CA LEU C 135 3.41 -28.67 -10.89
C LEU C 135 2.59 -29.23 -12.05
N ALA C 136 1.53 -28.52 -12.40
CA ALA C 136 0.69 -28.89 -13.53
C ALA C 136 1.48 -28.89 -14.84
N ALA C 137 2.27 -27.85 -15.06
CA ALA C 137 3.12 -27.78 -16.25
C ALA C 137 3.98 -29.04 -16.41
N LYS C 138 4.47 -29.56 -15.29
CA LYS C 138 5.34 -30.71 -15.31
C LYS C 138 4.56 -32.01 -15.54
N ALA C 139 3.53 -32.20 -14.74
CA ALA C 139 2.66 -33.36 -14.85
C ALA C 139 1.98 -33.49 -16.23
N ARG C 140 1.21 -32.49 -16.63
CA ARG C 140 0.48 -32.54 -17.91
C ARG C 140 1.38 -32.37 -19.15
N GLY C 141 2.60 -31.90 -18.94
CA GLY C 141 3.53 -31.66 -20.04
C GLY C 141 3.11 -30.53 -20.98
N THR C 142 2.29 -29.61 -20.49
CA THR C 142 1.88 -28.42 -21.23
C THR C 142 2.50 -27.18 -20.61
N PRO C 143 3.68 -26.76 -21.10
CA PRO C 143 4.52 -25.75 -20.46
C PRO C 143 3.84 -24.40 -20.19
N ILE C 144 2.78 -24.05 -20.92
CA ILE C 144 2.19 -22.73 -20.80
C ILE C 144 1.45 -22.56 -19.48
N VAL C 145 1.02 -23.67 -18.91
CA VAL C 145 0.20 -23.68 -17.73
C VAL C 145 0.93 -23.06 -16.52
N GLU C 146 2.26 -23.09 -16.57
CA GLU C 146 3.06 -22.46 -15.53
C GLU C 146 2.87 -20.95 -15.42
N PHE C 147 2.43 -20.32 -16.51
CA PHE C 147 2.37 -18.86 -16.57
C PHE C 147 0.95 -18.29 -16.59
N LEU C 148 -0.05 -19.14 -16.40
CA LEU C 148 -1.44 -18.67 -16.44
C LEU C 148 -1.92 -18.20 -15.07
N GLY C 149 -2.86 -17.26 -15.07
CA GLY C 149 -3.48 -16.79 -13.84
C GLY C 149 -4.52 -17.81 -13.38
N THR C 150 -5.26 -17.49 -12.33
CA THR C 150 -6.14 -18.47 -11.72
C THR C 150 -7.21 -19.04 -12.65
N ARG C 151 -7.99 -18.17 -13.27
CA ARG C 151 -9.07 -18.62 -14.16
C ARG C 151 -8.56 -19.43 -15.37
N GLU C 152 -7.53 -18.91 -16.04
CA GLU C 152 -7.08 -19.55 -17.26
C GLU C 152 -6.43 -20.89 -16.99
N LEU C 153 -5.81 -21.03 -15.83
CA LEU C 153 -5.22 -22.29 -15.41
C LEU C 153 -6.31 -23.30 -15.10
N ALA C 154 -7.30 -22.85 -14.33
CA ALA C 154 -8.43 -23.70 -14.00
C ALA C 154 -9.11 -24.21 -15.27
N HIS C 155 -9.12 -23.40 -16.31
CA HIS C 155 -9.78 -23.75 -17.57
C HIS C 155 -9.05 -24.88 -18.29
N LYS C 156 -7.73 -24.80 -18.36
CA LYS C 156 -6.93 -25.82 -19.03
C LYS C 156 -6.89 -27.17 -18.29
N ILE C 157 -7.19 -27.16 -17.00
CA ILE C 157 -7.13 -28.40 -16.21
C ILE C 157 -8.52 -28.99 -15.91
N LEU C 158 -9.54 -28.14 -15.74
CA LEU C 158 -10.87 -28.62 -15.37
C LEU C 158 -11.93 -28.54 -16.46
N TRP C 159 -11.93 -27.45 -17.23
CA TRP C 159 -13.01 -27.19 -18.18
C TRP C 159 -14.39 -27.22 -17.49
N TYR C 160 -14.51 -26.46 -16.41
CA TYR C 160 -15.83 -26.22 -15.82
C TYR C 160 -16.32 -24.95 -16.46
N ASP C 161 -17.61 -24.68 -16.29
CA ASP C 161 -18.16 -23.42 -16.75
C ASP C 161 -17.66 -22.33 -15.82
N MET C 162 -17.27 -21.19 -16.37
CA MET C 162 -16.82 -20.07 -15.56
C MET C 162 -17.42 -18.74 -15.98
N SER C 163 -18.59 -18.79 -16.62
CA SER C 163 -19.27 -17.56 -17.06
C SER C 163 -19.55 -16.60 -15.90
N ARG C 164 -19.98 -17.13 -14.76
CA ARG C 164 -20.24 -16.31 -13.58
C ARG C 164 -18.99 -15.54 -13.12
N LEU C 165 -17.87 -16.27 -13.02
CA LEU C 165 -16.61 -15.65 -12.65
C LEU C 165 -16.22 -14.57 -13.66
N ASP C 166 -16.08 -14.97 -14.93
CA ASP C 166 -15.76 -14.04 -16.01
C ASP C 166 -16.65 -12.79 -15.99
N SER C 167 -17.93 -12.99 -15.71
CA SER C 167 -18.86 -11.87 -15.68
C SER C 167 -18.51 -10.87 -14.56
N ILE C 168 -18.26 -11.36 -13.36
CA ILE C 168 -17.90 -10.49 -12.23
C ILE C 168 -16.57 -9.76 -12.45
N GLN C 169 -15.57 -10.47 -12.98
CA GLN C 169 -14.22 -9.93 -13.10
C GLN C 169 -14.07 -8.96 -14.29
N SER C 170 -14.88 -9.14 -15.33
CA SER C 170 -14.82 -8.26 -16.50
C SER C 170 -15.29 -6.83 -16.19
N LYS C 171 -16.16 -6.70 -15.20
CA LYS C 171 -16.62 -5.40 -14.73
C LYS C 171 -16.32 -5.27 -13.24
N TRP C 172 -15.05 -5.54 -12.90
CA TRP C 172 -14.61 -5.58 -11.51
C TRP C 172 -14.87 -4.31 -10.73
N ASP C 173 -14.60 -3.17 -11.37
CA ASP C 173 -14.80 -1.86 -10.74
C ASP C 173 -16.26 -1.58 -10.36
N GLU C 174 -17.19 -2.22 -11.07
CA GLU C 174 -18.62 -2.05 -10.83
C GLU C 174 -19.19 -3.19 -9.97
N ALA C 175 -18.33 -4.07 -9.48
CA ALA C 175 -18.79 -5.22 -8.71
C ALA C 175 -18.96 -4.88 -7.24
N SER C 176 -20.14 -5.23 -6.69
CA SER C 176 -20.41 -5.04 -5.27
C SER C 176 -19.47 -5.87 -4.41
N SER C 177 -19.32 -5.49 -3.14
CA SER C 177 -18.41 -6.22 -2.26
C SER C 177 -18.81 -7.69 -2.14
N ASN C 178 -20.11 -7.94 -2.25
CA ASN C 178 -20.65 -9.30 -2.22
C ASN C 178 -20.21 -10.06 -3.48
N ASP C 179 -20.26 -9.38 -4.63
CA ASP C 179 -19.81 -9.97 -5.90
C ASP C 179 -18.32 -10.33 -5.86
N ARG C 180 -17.52 -9.43 -5.30
CA ARG C 180 -16.08 -9.63 -5.20
C ARG C 180 -15.74 -10.78 -4.27
N LEU C 181 -16.50 -10.89 -3.19
CA LEU C 181 -16.34 -12.01 -2.30
C LEU C 181 -16.63 -13.33 -3.03
N GLU C 182 -17.72 -13.38 -3.79
CA GLU C 182 -18.07 -14.57 -4.59
C GLU C 182 -16.96 -14.98 -5.56
N ALA C 183 -16.39 -14.00 -6.26
CA ALA C 183 -15.32 -14.26 -7.20
C ALA C 183 -14.12 -14.92 -6.49
N ALA C 184 -13.75 -14.37 -5.35
CA ALA C 184 -12.67 -14.95 -4.55
C ALA C 184 -13.02 -16.37 -4.10
N ALA C 185 -14.26 -16.57 -3.68
CA ALA C 185 -14.71 -17.90 -3.25
C ALA C 185 -14.57 -18.93 -4.36
N ILE C 186 -14.91 -18.51 -5.58
CA ILE C 186 -14.89 -19.39 -6.75
C ILE C 186 -13.46 -19.76 -7.11
N GLU C 187 -12.57 -18.76 -7.13
CA GLU C 187 -11.19 -19.00 -7.50
C GLU C 187 -10.62 -20.06 -6.55
N GLY C 188 -10.89 -19.87 -5.26
CA GLY C 188 -10.49 -20.84 -4.25
C GLY C 188 -10.98 -22.23 -4.59
N TRP C 189 -12.29 -22.35 -4.82
CA TRP C 189 -12.90 -23.62 -5.16
C TRP C 189 -12.26 -24.24 -6.41
N LEU C 190 -12.05 -23.42 -7.43
CA LEU C 190 -11.44 -23.90 -8.66
C LEU C 190 -10.05 -24.46 -8.40
N ILE C 191 -9.22 -23.69 -7.72
CA ILE C 191 -7.86 -24.14 -7.43
C ILE C 191 -7.83 -25.39 -6.55
N PHE C 192 -8.72 -25.47 -5.57
CA PHE C 192 -8.87 -26.71 -4.83
C PHE C 192 -9.04 -27.93 -5.76
N ASN C 193 -9.93 -27.80 -6.73
CA ASN C 193 -10.15 -28.88 -7.69
C ASN C 193 -8.97 -29.18 -8.63
N VAL C 194 -8.22 -28.14 -8.99
CA VAL C 194 -7.00 -28.37 -9.76
C VAL C 194 -6.04 -29.19 -8.91
N TYR C 195 -5.94 -28.86 -7.63
CA TYR C 195 -5.05 -29.63 -6.76
C TYR C 195 -5.55 -31.05 -6.60
N ASP C 196 -6.85 -31.21 -6.42
CA ASP C 196 -7.46 -32.52 -6.25
C ASP C 196 -7.13 -33.44 -7.41
N GLN C 197 -7.17 -32.89 -8.62
CA GLN C 197 -6.96 -33.69 -9.82
C GLN C 197 -5.49 -34.05 -10.03
N LEU C 198 -4.59 -33.29 -9.40
CA LEU C 198 -3.16 -33.52 -9.59
C LEU C 198 -2.57 -34.38 -8.49
N GLN C 199 -3.24 -34.44 -7.35
CA GLN C 199 -2.72 -35.19 -6.21
C GLN C 199 -3.09 -36.66 -6.31
N GLN C 200 -4.16 -36.94 -7.05
CA GLN C 200 -4.59 -38.32 -7.26
C GLN C 200 -3.85 -38.93 -8.44
#